data_3UEB
#
_entry.id   3UEB
#
_cell.length_a   108.059
_cell.length_b   108.059
_cell.length_c   127.603
_cell.angle_alpha   90.00
_cell.angle_beta   90.00
_cell.angle_gamma   90.00
#
_symmetry.space_group_name_H-M   'P 41 21 2'
#
loop_
_entity.id
_entity.type
_entity.pdbx_description
1 polymer 'Putative uncharacterized protein'
2 water water
#
_entity_poly.entity_id   1
_entity_poly.type   'polypeptide(L)'
_entity_poly.pdbx_seq_one_letter_code
;MDKGSSGKRVIHIGLPELSEEQLIEIGELAQETIIDYVFDHLTRSEVKDIEVTMRINREETLDLEIEVYLEVPIFVKVDV
DKLIDEAVERAYEIVERKLREIANERENQA
;
_entity_poly.pdbx_strand_id   A,B,C,D,E,F
#
# COMPACT_ATOMS: atom_id res chain seq x y z
N GLY A 4 41.91 -8.35 -2.62
CA GLY A 4 42.60 -8.47 -1.31
C GLY A 4 41.78 -7.94 -0.14
N SER A 5 40.53 -7.57 -0.40
CA SER A 5 39.68 -7.05 0.65
C SER A 5 38.75 -8.10 1.26
N SER A 6 38.76 -9.31 0.71
CA SER A 6 37.89 -10.37 1.22
C SER A 6 38.46 -11.78 1.06
N GLY A 7 37.94 -12.69 1.87
CA GLY A 7 38.38 -14.06 1.84
C GLY A 7 37.18 -14.98 2.05
N LYS A 8 37.29 -16.17 1.48
CA LYS A 8 36.24 -17.17 1.58
C LYS A 8 36.88 -18.47 2.01
N ARG A 9 36.15 -19.26 2.79
CA ARG A 9 36.68 -20.53 3.27
C ARG A 9 35.54 -21.50 3.57
N VAL A 10 35.66 -22.72 3.06
CA VAL A 10 34.65 -23.75 3.29
C VAL A 10 35.30 -24.98 3.88
N ILE A 11 34.82 -25.42 5.04
CA ILE A 11 35.38 -26.59 5.68
C ILE A 11 34.32 -27.67 5.91
N HIS A 12 34.70 -28.91 5.65
CA HIS A 12 33.82 -30.05 5.83
C HIS A 12 34.28 -30.87 7.02
N ILE A 13 33.34 -31.19 7.90
CA ILE A 13 33.68 -31.94 9.10
C ILE A 13 32.80 -33.16 9.36
N GLY A 14 33.44 -34.30 9.62
CA GLY A 14 32.70 -35.52 9.91
C GLY A 14 32.78 -35.76 11.42
N LEU A 15 31.65 -36.04 12.05
CA LEU A 15 31.60 -36.29 13.49
C LEU A 15 30.72 -37.51 13.82
N PRO A 16 31.15 -38.70 13.37
CA PRO A 16 30.45 -39.98 13.54
C PRO A 16 30.12 -40.46 14.95
N GLU A 17 30.88 -40.02 15.95
CA GLU A 17 30.63 -40.46 17.32
C GLU A 17 29.63 -39.58 18.03
N LEU A 18 29.17 -38.53 17.37
CA LEU A 18 28.21 -37.61 17.97
C LEU A 18 26.77 -37.83 17.47
N SER A 19 25.81 -37.59 18.35
CA SER A 19 24.39 -37.70 18.02
C SER A 19 24.07 -36.44 17.22
N GLU A 20 22.99 -36.45 16.45
CA GLU A 20 22.64 -35.27 15.67
C GLU A 20 22.51 -34.01 16.53
N GLU A 21 22.09 -34.18 17.79
CA GLU A 21 21.95 -33.05 18.69
C GLU A 21 23.32 -32.44 19.01
N GLN A 22 24.29 -33.28 19.37
CA GLN A 22 25.63 -32.81 19.68
C GLN A 22 26.26 -32.19 18.44
N LEU A 23 25.74 -32.55 17.28
CA LEU A 23 26.23 -32.02 16.01
C LEU A 23 25.87 -30.54 15.94
N ILE A 24 24.66 -30.20 16.37
CA ILE A 24 24.19 -28.81 16.38
C ILE A 24 25.07 -28.01 17.34
N GLU A 25 25.29 -28.57 18.52
CA GLU A 25 26.12 -27.92 19.54
C GLU A 25 27.52 -27.63 18.99
N ILE A 26 28.12 -28.60 18.32
CA ILE A 26 29.45 -28.43 17.77
C ILE A 26 29.44 -27.45 16.61
N GLY A 27 28.40 -27.52 15.79
CA GLY A 27 28.29 -26.60 14.67
C GLY A 27 28.27 -25.18 15.22
N GLU A 28 27.52 -24.97 16.30
CA GLU A 28 27.43 -23.66 16.92
C GLU A 28 28.77 -23.26 17.54
N LEU A 29 29.44 -24.20 18.20
CA LEU A 29 30.73 -23.92 18.82
C LEU A 29 31.74 -23.48 17.75
N ALA A 30 31.74 -24.19 16.64
CA ALA A 30 32.65 -23.92 15.53
C ALA A 30 32.41 -22.53 14.94
N GLN A 31 31.19 -22.29 14.50
CA GLN A 31 30.81 -21.02 13.89
C GLN A 31 31.09 -19.82 14.77
N GLU A 32 30.70 -19.93 16.04
CA GLU A 32 30.89 -18.84 16.99
C GLU A 32 32.34 -18.65 17.40
N THR A 33 33.13 -19.72 17.35
CA THR A 33 34.55 -19.59 17.67
C THR A 33 35.14 -18.71 16.57
N ILE A 34 34.70 -18.94 15.34
CA ILE A 34 35.18 -18.19 14.20
C ILE A 34 34.74 -16.72 14.26
N ILE A 35 33.49 -16.48 14.66
CA ILE A 35 32.98 -15.12 14.77
C ILE A 35 33.74 -14.38 15.87
N ASP A 36 33.89 -15.03 17.01
CA ASP A 36 34.60 -14.42 18.12
C ASP A 36 36.01 -14.05 17.68
N TYR A 37 36.69 -14.97 17.01
CA TYR A 37 38.05 -14.72 16.57
C TYR A 37 38.16 -13.49 15.68
N VAL A 38 37.26 -13.35 14.72
CA VAL A 38 37.30 -12.21 13.83
C VAL A 38 37.14 -10.89 14.58
N PHE A 39 36.15 -10.81 15.47
CA PHE A 39 35.93 -9.58 16.22
C PHE A 39 36.92 -9.31 17.34
N ASP A 40 37.68 -10.31 17.73
CA ASP A 40 38.67 -10.11 18.79
C ASP A 40 39.99 -9.66 18.17
N HIS A 41 40.10 -9.77 16.85
CA HIS A 41 41.34 -9.40 16.18
C HIS A 41 41.22 -8.26 15.18
N LEU A 42 40.01 -7.77 14.97
CA LEU A 42 39.79 -6.65 14.06
C LEU A 42 38.92 -5.65 14.77
N THR A 43 39.11 -4.37 14.49
CA THR A 43 38.27 -3.38 15.12
C THR A 43 36.92 -3.48 14.42
N ARG A 44 35.87 -2.95 15.06
CA ARG A 44 34.53 -3.00 14.49
C ARG A 44 34.52 -2.44 13.08
N SER A 45 35.14 -1.28 12.90
CA SER A 45 35.18 -0.63 11.60
C SER A 45 35.90 -1.42 10.53
N GLU A 46 36.81 -2.31 10.92
CA GLU A 46 37.54 -3.11 9.93
C GLU A 46 36.70 -4.27 9.42
N VAL A 47 35.65 -4.64 10.15
CA VAL A 47 34.81 -5.72 9.69
C VAL A 47 33.64 -5.14 8.91
N LYS A 48 33.86 -4.96 7.61
CA LYS A 48 32.83 -4.41 6.75
C LYS A 48 31.69 -5.41 6.60
N ASP A 49 32.03 -6.67 6.40
CA ASP A 49 31.01 -7.70 6.23
C ASP A 49 31.55 -9.06 6.59
N ILE A 50 30.87 -9.71 7.52
CA ILE A 50 31.27 -11.05 7.93
C ILE A 50 30.05 -11.97 7.85
N GLU A 51 30.26 -13.17 7.31
CA GLU A 51 29.20 -14.14 7.19
C GLU A 51 29.73 -15.52 7.50
N VAL A 52 29.14 -16.17 8.50
CA VAL A 52 29.56 -17.49 8.89
C VAL A 52 28.33 -18.40 8.89
N THR A 53 28.42 -19.44 8.07
CA THR A 53 27.34 -20.40 7.89
C THR A 53 27.64 -21.75 8.49
N MET A 54 26.65 -22.36 9.13
CA MET A 54 26.80 -23.71 9.64
C MET A 54 25.70 -24.52 8.94
N ARG A 55 26.09 -25.67 8.41
CA ARG A 55 25.14 -26.54 7.72
C ARG A 55 25.20 -27.93 8.34
N ILE A 56 24.08 -28.40 8.88
CA ILE A 56 24.03 -29.72 9.49
C ILE A 56 23.18 -30.64 8.61
N ASN A 57 23.80 -31.71 8.13
CA ASN A 57 23.11 -32.66 7.27
C ASN A 57 23.86 -33.98 7.30
N ARG A 58 23.54 -34.83 8.27
CA ARG A 58 24.20 -36.12 8.42
C ARG A 58 23.95 -37.10 7.27
N GLU A 59 22.81 -37.02 6.61
CA GLU A 59 22.51 -37.95 5.54
C GLU A 59 23.09 -37.66 4.16
N GLU A 60 23.47 -36.41 3.89
CA GLU A 60 24.01 -36.07 2.58
C GLU A 60 25.42 -35.46 2.58
N THR A 61 25.98 -35.23 3.77
CA THR A 61 27.33 -34.65 3.87
C THR A 61 28.14 -35.40 4.93
N LEU A 62 29.35 -34.93 5.19
CA LEU A 62 30.18 -35.54 6.20
C LEU A 62 29.49 -35.39 7.56
N ASP A 63 28.67 -34.35 7.67
CA ASP A 63 27.91 -34.04 8.88
C ASP A 63 27.76 -32.53 9.04
N LEU A 64 28.89 -31.87 9.19
CA LEU A 64 28.90 -30.43 9.39
C LEU A 64 29.73 -29.72 8.34
N GLU A 65 29.21 -28.59 7.87
CA GLU A 65 29.90 -27.79 6.90
C GLU A 65 29.88 -26.37 7.43
N ILE A 66 31.03 -25.72 7.38
CA ILE A 66 31.14 -24.35 7.86
C ILE A 66 31.67 -23.49 6.74
N GLU A 67 30.99 -22.39 6.48
CA GLU A 67 31.42 -21.50 5.42
C GLU A 67 31.70 -20.12 6.01
N VAL A 68 32.89 -19.61 5.74
CA VAL A 68 33.28 -18.30 6.25
C VAL A 68 33.52 -17.31 5.12
N TYR A 69 32.99 -16.10 5.26
CA TYR A 69 33.21 -15.05 4.28
C TYR A 69 33.52 -13.80 5.08
N LEU A 70 34.61 -13.15 4.75
CA LEU A 70 35.04 -11.95 5.48
C LEU A 70 35.51 -10.89 4.52
N GLU A 71 35.08 -9.65 4.77
CA GLU A 71 35.45 -8.53 3.93
C GLU A 71 35.83 -7.33 4.79
N VAL A 72 36.93 -6.67 4.43
CA VAL A 72 37.37 -5.48 5.15
C VAL A 72 37.35 -4.33 4.15
N PRO A 73 37.36 -3.08 4.62
CA PRO A 73 37.35 -1.93 3.69
C PRO A 73 38.53 -2.01 2.72
N ILE A 74 38.35 -1.46 1.51
CA ILE A 74 39.40 -1.50 0.50
C ILE A 74 40.69 -0.76 0.87
N PHE A 75 40.61 0.19 1.80
CA PHE A 75 41.76 0.97 2.23
C PHE A 75 42.45 0.37 3.46
N VAL A 76 41.86 -0.71 4.00
CA VAL A 76 42.41 -1.39 5.17
C VAL A 76 43.38 -2.48 4.72
N LYS A 77 44.58 -2.48 5.29
CA LYS A 77 45.57 -3.49 4.91
C LYS A 77 45.66 -4.64 5.91
N VAL A 78 44.90 -5.69 5.63
CA VAL A 78 44.86 -6.87 6.48
C VAL A 78 44.89 -8.11 5.61
N ASP A 79 45.55 -9.16 6.11
CA ASP A 79 45.65 -10.41 5.37
C ASP A 79 44.42 -11.26 5.73
N VAL A 80 43.35 -11.06 4.97
CA VAL A 80 42.09 -11.75 5.22
C VAL A 80 42.13 -13.26 5.24
N ASP A 81 42.75 -13.88 4.24
CA ASP A 81 42.83 -15.34 4.21
C ASP A 81 43.59 -15.83 5.43
N LYS A 82 44.64 -15.10 5.78
CA LYS A 82 45.47 -15.46 6.93
C LYS A 82 44.63 -15.42 8.20
N LEU A 83 43.87 -14.32 8.37
CA LEU A 83 43.00 -14.18 9.53
C LEU A 83 41.98 -15.31 9.52
N ILE A 84 41.38 -15.56 8.37
CA ILE A 84 40.39 -16.63 8.27
C ILE A 84 41.06 -17.96 8.65
N ASP A 85 42.28 -18.19 8.15
CA ASP A 85 43.01 -19.42 8.47
C ASP A 85 43.18 -19.59 9.97
N GLU A 86 43.60 -18.54 10.64
CA GLU A 86 43.79 -18.57 12.08
C GLU A 86 42.48 -18.82 12.82
N ALA A 87 41.41 -18.17 12.38
CA ALA A 87 40.11 -18.34 13.00
C ALA A 87 39.67 -19.79 12.91
N VAL A 88 39.85 -20.39 11.72
CA VAL A 88 39.48 -21.78 11.47
C VAL A 88 40.31 -22.76 12.31
N GLU A 89 41.62 -22.58 12.33
CA GLU A 89 42.48 -23.47 13.12
C GLU A 89 42.06 -23.39 14.60
N ARG A 90 41.76 -22.19 15.08
CA ARG A 90 41.33 -22.03 16.46
C ARG A 90 40.05 -22.84 16.67
N ALA A 91 39.16 -22.81 15.68
CA ALA A 91 37.90 -23.54 15.76
C ALA A 91 38.17 -25.04 15.92
N TYR A 92 39.00 -25.61 15.06
CA TYR A 92 39.36 -27.04 15.16
C TYR A 92 39.84 -27.38 16.56
N GLU A 93 40.77 -26.57 17.07
CA GLU A 93 41.35 -26.78 18.39
C GLU A 93 40.30 -26.79 19.49
N ILE A 94 39.36 -25.86 19.40
CA ILE A 94 38.31 -25.76 20.39
C ILE A 94 37.31 -26.89 20.21
N VAL A 95 37.00 -27.23 18.96
CA VAL A 95 36.07 -28.31 18.71
C VAL A 95 36.67 -29.63 19.22
N GLU A 96 37.94 -29.87 18.92
CA GLU A 96 38.60 -31.10 19.34
C GLU A 96 38.59 -31.24 20.86
N ARG A 97 38.76 -30.15 21.58
CA ARG A 97 38.75 -30.21 23.04
C ARG A 97 37.37 -30.60 23.53
N LYS A 98 36.35 -30.07 22.87
CA LYS A 98 34.96 -30.36 23.20
C LYS A 98 34.66 -31.83 22.93
N LEU A 99 35.16 -32.34 21.81
CA LEU A 99 34.93 -33.74 21.45
C LEU A 99 35.51 -34.65 22.53
N ARG A 100 36.75 -34.39 22.94
CA ARG A 100 37.38 -35.20 23.97
C ARG A 100 36.60 -35.06 25.27
N GLU A 101 36.12 -33.84 25.55
CA GLU A 101 35.35 -33.61 26.77
C GLU A 101 34.09 -34.46 26.73
N ILE A 102 33.39 -34.42 25.62
CA ILE A 102 32.17 -35.19 25.46
C ILE A 102 32.46 -36.69 25.59
N ALA A 103 33.44 -37.16 24.86
CA ALA A 103 33.82 -38.57 24.90
C ALA A 103 34.09 -39.03 26.33
N ASN A 104 34.74 -38.18 27.12
CA ASN A 104 35.04 -38.51 28.51
C ASN A 104 33.80 -38.71 29.39
N GLU A 105 32.78 -37.90 29.18
CA GLU A 105 31.55 -38.03 29.96
C GLU A 105 30.79 -39.30 29.54
N LYS B 3 13.13 -34.71 -3.04
CA LYS B 3 13.33 -33.49 -2.19
C LYS B 3 12.08 -33.16 -1.38
N GLY B 4 12.18 -33.30 -0.06
CA GLY B 4 11.05 -33.01 0.80
C GLY B 4 10.78 -31.53 0.95
N SER B 5 9.80 -31.18 1.78
CA SER B 5 9.46 -29.78 1.99
C SER B 5 10.67 -29.01 2.52
N SER B 6 10.84 -27.80 1.99
CA SER B 6 11.94 -26.93 2.40
C SER B 6 11.46 -25.49 2.43
N GLY B 7 12.29 -24.61 2.97
CA GLY B 7 11.94 -23.21 3.04
C GLY B 7 13.08 -22.38 3.59
N LYS B 8 13.04 -21.09 3.34
CA LYS B 8 14.07 -20.20 3.83
C LYS B 8 13.48 -18.86 4.23
N ARG B 9 14.12 -18.25 5.21
CA ARG B 9 13.70 -16.95 5.71
C ARG B 9 14.96 -16.21 6.16
N VAL B 10 14.88 -14.88 6.17
CA VAL B 10 15.99 -14.06 6.61
C VAL B 10 15.48 -13.09 7.65
N ILE B 11 15.97 -13.15 8.87
CA ILE B 11 15.53 -12.16 9.84
C ILE B 11 16.57 -11.05 9.64
N HIS B 12 16.09 -9.82 9.51
CA HIS B 12 16.98 -8.69 9.29
C HIS B 12 16.71 -7.67 10.40
N ILE B 13 17.78 -7.20 11.04
CA ILE B 13 17.62 -6.26 12.13
C ILE B 13 18.65 -5.14 12.09
N GLY B 14 18.16 -3.90 12.07
CA GLY B 14 19.05 -2.75 12.07
C GLY B 14 19.53 -2.69 13.51
N LEU B 15 20.82 -2.52 13.71
CA LEU B 15 21.34 -2.49 15.06
C LEU B 15 21.74 -1.10 15.57
N PRO B 16 21.47 -0.83 16.86
CA PRO B 16 21.82 0.44 17.47
C PRO B 16 23.26 0.35 17.95
N GLU B 17 23.69 1.29 18.80
CA GLU B 17 25.04 1.27 19.33
C GLU B 17 25.17 0.14 20.33
N LEU B 18 26.10 -0.78 20.04
CA LEU B 18 26.34 -1.94 20.88
C LEU B 18 27.84 -2.17 21.05
N SER B 19 28.23 -2.69 22.22
CA SER B 19 29.63 -3.00 22.46
C SER B 19 29.89 -4.30 21.70
N GLU B 20 31.15 -4.63 21.47
CA GLU B 20 31.45 -5.87 20.75
C GLU B 20 30.73 -7.05 21.38
N GLU B 21 30.82 -7.15 22.70
CA GLU B 21 30.20 -8.24 23.46
C GLU B 21 28.70 -8.31 23.24
N GLN B 22 28.05 -7.16 23.16
CA GLN B 22 26.60 -7.10 22.96
C GLN B 22 26.25 -7.40 21.50
N LEU B 23 27.16 -7.07 20.58
CA LEU B 23 26.94 -7.32 19.17
C LEU B 23 26.92 -8.83 18.94
N ILE B 24 27.93 -9.49 19.47
CA ILE B 24 28.03 -10.94 19.34
C ILE B 24 26.89 -11.64 20.08
N GLU B 25 26.53 -11.12 21.26
CA GLU B 25 25.45 -11.72 22.04
C GLU B 25 24.12 -11.69 21.26
N ILE B 26 23.82 -10.54 20.67
CA ILE B 26 22.60 -10.36 19.89
C ILE B 26 22.57 -11.26 18.66
N GLY B 27 23.70 -11.34 17.95
CA GLY B 27 23.76 -12.20 16.78
C GLY B 27 23.49 -13.64 17.15
N GLU B 28 24.19 -14.14 18.18
CA GLU B 28 24.01 -15.51 18.61
C GLU B 28 22.62 -15.78 19.17
N LEU B 29 22.04 -14.79 19.83
CA LEU B 29 20.70 -14.94 20.39
C LEU B 29 19.70 -15.17 19.27
N ALA B 30 19.76 -14.30 18.26
CA ALA B 30 18.86 -14.39 17.11
C ALA B 30 18.94 -15.76 16.45
N GLN B 31 20.15 -16.23 16.23
CA GLN B 31 20.38 -17.51 15.57
C GLN B 31 19.98 -18.72 16.42
N GLU B 32 20.33 -18.70 17.69
CA GLU B 32 20.00 -19.80 18.58
C GLU B 32 18.49 -19.89 18.81
N THR B 33 17.81 -18.74 18.84
CA THR B 33 16.36 -18.79 19.04
C THR B 33 15.73 -19.57 17.89
N ILE B 34 16.23 -19.35 16.68
CA ILE B 34 15.72 -20.05 15.50
C ILE B 34 16.04 -21.54 15.55
N ILE B 35 17.28 -21.87 15.90
CA ILE B 35 17.71 -23.25 15.99
C ILE B 35 16.88 -23.98 17.04
N ASP B 36 16.90 -23.45 18.25
CA ASP B 36 16.15 -24.06 19.34
C ASP B 36 14.69 -24.23 18.97
N TYR B 37 14.10 -23.22 18.33
CA TYR B 37 12.70 -23.31 17.94
C TYR B 37 12.47 -24.52 17.03
N VAL B 38 13.34 -24.71 16.05
CA VAL B 38 13.21 -25.83 15.12
C VAL B 38 13.25 -27.19 15.84
N PHE B 39 14.28 -27.41 16.64
CA PHE B 39 14.42 -28.66 17.37
C PHE B 39 13.52 -28.83 18.60
N ASP B 40 12.73 -27.82 18.90
CA ASP B 40 11.80 -27.94 20.03
C ASP B 40 10.44 -28.31 19.46
N HIS B 41 10.38 -28.48 18.14
CA HIS B 41 9.15 -28.82 17.46
C HIS B 41 9.33 -30.02 16.54
N LEU B 42 10.56 -30.25 16.14
CA LEU B 42 10.90 -31.38 15.27
C LEU B 42 11.87 -32.31 15.97
N THR B 43 11.85 -33.58 15.59
CA THR B 43 12.79 -34.54 16.16
C THR B 43 14.00 -34.49 15.23
N ARG B 44 15.17 -34.85 15.74
CA ARG B 44 16.38 -34.80 14.92
C ARG B 44 16.26 -35.56 13.59
N SER B 45 15.40 -36.57 13.54
CA SER B 45 15.24 -37.34 12.31
C SER B 45 14.42 -36.63 11.25
N GLU B 46 13.51 -35.75 11.67
CA GLU B 46 12.70 -35.01 10.72
C GLU B 46 13.47 -33.89 10.03
N VAL B 47 14.67 -33.59 10.54
CA VAL B 47 15.48 -32.53 9.98
C VAL B 47 16.58 -33.09 9.08
N LYS B 48 16.33 -33.09 7.78
CA LYS B 48 17.30 -33.60 6.83
C LYS B 48 18.42 -32.58 6.65
N ASP B 49 18.04 -31.31 6.52
CA ASP B 49 19.04 -30.28 6.32
C ASP B 49 18.62 -28.97 6.98
N ILE B 50 19.54 -28.39 7.74
CA ILE B 50 19.31 -27.11 8.38
C ILE B 50 20.57 -26.30 8.14
N GLU B 51 20.41 -25.12 7.56
CA GLU B 51 21.52 -24.22 7.27
C GLU B 51 21.23 -22.85 7.86
N VAL B 52 22.18 -22.33 8.63
CA VAL B 52 22.03 -21.04 9.26
C VAL B 52 23.25 -20.17 9.07
N THR B 53 23.04 -18.95 8.58
CA THR B 53 24.13 -18.01 8.34
C THR B 53 23.96 -16.73 9.16
N MET B 54 24.96 -16.37 9.95
CA MET B 54 24.89 -15.14 10.71
C MET B 54 25.66 -14.15 9.84
N ARG B 55 25.03 -13.02 9.57
CA ARG B 55 25.60 -12.02 8.70
C ARG B 55 25.55 -10.65 9.39
N ILE B 56 26.71 -10.02 9.48
CA ILE B 56 26.82 -8.70 10.11
C ILE B 56 27.47 -7.77 9.09
N ASN B 57 26.67 -6.82 8.61
CA ASN B 57 27.14 -5.87 7.62
C ASN B 57 27.22 -4.45 8.20
N ARG B 58 28.38 -3.83 8.03
CA ARG B 58 28.61 -2.49 8.53
C ARG B 58 29.02 -1.53 7.42
N GLU B 59 28.04 -0.79 6.92
CA GLU B 59 28.25 0.22 5.88
C GLU B 59 27.75 1.50 6.52
N GLU B 60 26.78 2.14 5.86
CA GLU B 60 26.21 3.36 6.38
C GLU B 60 25.46 3.01 7.67
N THR B 61 24.97 1.77 7.75
CA THR B 61 24.25 1.30 8.92
C THR B 61 24.74 -0.09 9.34
N LEU B 62 24.55 -0.44 10.61
CA LEU B 62 24.96 -1.73 11.16
C LEU B 62 23.78 -2.70 11.06
N ASP B 63 23.92 -3.74 10.25
CA ASP B 63 22.84 -4.71 10.06
C ASP B 63 23.17 -6.15 10.40
N LEU B 64 22.23 -6.81 11.07
CA LEU B 64 22.37 -8.20 11.42
C LEU B 64 21.34 -8.99 10.65
N GLU B 65 21.78 -10.09 10.03
CA GLU B 65 20.86 -10.93 9.29
C GLU B 65 21.12 -12.37 9.64
N ILE B 66 20.06 -13.12 9.87
CA ILE B 66 20.20 -14.54 10.15
C ILE B 66 19.39 -15.20 9.07
N GLU B 67 20.07 -15.93 8.20
CA GLU B 67 19.41 -16.64 7.12
C GLU B 67 19.29 -18.10 7.48
N VAL B 68 18.07 -18.63 7.43
CA VAL B 68 17.84 -20.02 7.75
C VAL B 68 17.17 -20.77 6.63
N TYR B 69 17.70 -21.95 6.33
CA TYR B 69 17.13 -22.84 5.33
C TYR B 69 16.88 -24.16 6.05
N LEU B 70 15.70 -24.73 5.86
CA LEU B 70 15.35 -25.98 6.50
C LEU B 70 14.69 -26.90 5.49
N GLU B 71 15.00 -28.18 5.59
CA GLU B 71 14.45 -29.19 4.70
C GLU B 71 14.19 -30.45 5.50
N VAL B 72 13.02 -31.07 5.27
CA VAL B 72 12.64 -32.29 5.96
C VAL B 72 12.54 -33.42 4.93
N PRO B 73 12.55 -34.68 5.37
CA PRO B 73 12.44 -35.81 4.42
C PRO B 73 11.13 -35.72 3.65
N ILE B 74 11.11 -36.24 2.43
CA ILE B 74 9.92 -36.20 1.61
C ILE B 74 8.70 -36.88 2.26
N PHE B 75 8.93 -37.77 3.22
CA PHE B 75 7.83 -38.46 3.87
C PHE B 75 7.33 -37.78 5.16
N VAL B 76 8.00 -36.70 5.58
CA VAL B 76 7.61 -35.96 6.78
C VAL B 76 6.57 -34.91 6.34
N LYS B 77 5.48 -34.77 7.10
CA LYS B 77 4.43 -33.83 6.68
C LYS B 77 4.30 -32.44 7.28
N VAL B 78 5.28 -32.01 8.08
CA VAL B 78 5.22 -30.69 8.69
C VAL B 78 5.22 -29.53 7.69
N ASP B 79 4.52 -28.45 8.02
CA ASP B 79 4.46 -27.28 7.14
C ASP B 79 5.72 -26.45 7.42
N VAL B 80 6.76 -26.70 6.63
CA VAL B 80 8.03 -26.01 6.81
C VAL B 80 7.96 -24.50 6.77
N ASP B 81 7.25 -23.94 5.79
CA ASP B 81 7.14 -22.48 5.70
C ASP B 81 6.57 -21.86 6.97
N LYS B 82 5.44 -22.38 7.43
CA LYS B 82 4.82 -21.84 8.63
C LYS B 82 5.71 -22.03 9.85
N LEU B 83 6.39 -23.17 9.93
CA LEU B 83 7.29 -23.45 11.03
C LEU B 83 8.43 -22.43 11.06
N ILE B 84 9.01 -22.18 9.88
CA ILE B 84 10.10 -21.22 9.77
C ILE B 84 9.58 -19.83 10.12
N ASP B 85 8.41 -19.48 9.58
CA ASP B 85 7.79 -18.17 9.87
C ASP B 85 7.72 -17.94 11.38
N GLU B 86 7.12 -18.88 12.10
CA GLU B 86 6.99 -18.75 13.54
C GLU B 86 8.34 -18.71 14.24
N ALA B 87 9.27 -19.55 13.78
CA ALA B 87 10.60 -19.56 14.37
C ALA B 87 11.21 -18.17 14.23
N VAL B 88 11.10 -17.60 13.03
CA VAL B 88 11.63 -16.27 12.74
C VAL B 88 10.92 -15.18 13.55
N GLU B 89 9.59 -15.31 13.70
CA GLU B 89 8.82 -14.33 14.46
C GLU B 89 9.33 -14.31 15.90
N ARG B 90 9.48 -15.50 16.48
CA ARG B 90 9.96 -15.63 17.84
C ARG B 90 11.33 -14.95 17.97
N ALA B 91 12.16 -15.11 16.95
CA ALA B 91 13.50 -14.53 16.96
C ALA B 91 13.41 -13.01 16.96
N TYR B 92 12.55 -12.46 16.11
CA TYR B 92 12.38 -11.02 16.05
C TYR B 92 12.00 -10.43 17.40
N GLU B 93 11.00 -11.03 18.05
CA GLU B 93 10.55 -10.49 19.34
C GLU B 93 11.58 -10.65 20.47
N ILE B 94 12.28 -11.78 20.49
CA ILE B 94 13.29 -12.00 21.51
C ILE B 94 14.45 -11.05 21.34
N VAL B 95 14.83 -10.76 20.09
CA VAL B 95 15.93 -9.85 19.85
C VAL B 95 15.47 -8.42 20.14
N GLU B 96 14.28 -8.08 19.66
CA GLU B 96 13.72 -6.75 19.90
C GLU B 96 13.59 -6.46 21.41
N ARG B 97 13.21 -7.45 22.21
CA ARG B 97 13.08 -7.22 23.64
C ARG B 97 14.46 -7.06 24.29
N LYS B 98 15.38 -7.95 23.94
CA LYS B 98 16.73 -7.89 24.47
C LYS B 98 17.38 -6.53 24.17
N LEU B 99 16.98 -5.94 23.04
CA LEU B 99 17.52 -4.64 22.63
C LEU B 99 16.99 -3.52 23.52
N ARG B 100 15.69 -3.55 23.82
CA ARG B 100 15.08 -2.54 24.67
C ARG B 100 15.71 -2.63 26.06
N GLU B 101 15.93 -3.86 26.51
CA GLU B 101 16.53 -4.11 27.80
C GLU B 101 17.94 -3.51 27.86
N ILE B 102 18.67 -3.63 26.74
CA ILE B 102 20.01 -3.09 26.67
C ILE B 102 19.96 -1.57 26.65
N ALA B 103 18.97 -1.02 25.94
CA ALA B 103 18.80 0.42 25.84
C ALA B 103 18.77 1.13 27.19
N ASN B 104 18.73 0.33 28.26
CA ASN B 104 18.72 0.87 29.62
C ASN B 104 20.03 0.54 30.33
N GLY C 4 9.21 -22.46 -13.94
CA GLY C 4 9.90 -21.18 -13.89
C GLY C 4 10.39 -20.86 -12.49
N SER C 5 11.61 -20.35 -12.38
CA SER C 5 12.17 -20.02 -11.08
C SER C 5 11.36 -18.94 -10.37
N SER C 6 11.23 -19.08 -9.07
CA SER C 6 10.49 -18.14 -8.26
C SER C 6 11.19 -17.96 -6.93
N GLY C 7 10.63 -17.11 -6.08
CA GLY C 7 11.24 -16.88 -4.79
C GLY C 7 10.38 -15.93 -3.97
N LYS C 8 10.68 -15.85 -2.67
CA LYS C 8 9.93 -14.95 -1.80
C LYS C 8 10.77 -14.49 -0.62
N ARG C 9 10.41 -13.31 -0.12
CA ARG C 9 11.08 -12.72 1.02
C ARG C 9 10.03 -11.96 1.81
N VAL C 10 10.30 -11.75 3.08
CA VAL C 10 9.40 -11.03 3.94
C VAL C 10 10.18 -9.90 4.59
N ILE C 11 9.71 -8.67 4.42
CA ILE C 11 10.34 -7.54 5.06
C ILE C 11 9.63 -7.42 6.39
N HIS C 12 10.34 -7.40 7.48
CA HIS C 12 9.69 -7.32 8.77
C HIS C 12 10.09 -6.09 9.54
N ILE C 13 9.16 -5.29 9.97
CA ILE C 13 9.47 -4.12 10.75
C ILE C 13 8.79 -4.02 12.10
N GLY C 14 9.57 -3.96 13.14
CA GLY C 14 9.08 -3.72 14.46
C GLY C 14 8.95 -2.25 14.75
N LEU C 15 7.72 -1.77 14.73
CA LEU C 15 7.35 -0.36 14.71
C LEU C 15 7.13 0.28 16.09
N PRO C 16 7.48 1.55 16.26
CA PRO C 16 7.32 2.29 17.51
C PRO C 16 5.86 2.51 17.85
N GLU C 17 5.11 3.06 16.87
CA GLU C 17 3.69 3.31 17.03
C GLU C 17 3.02 3.72 15.72
N LEU C 18 3.39 4.89 15.20
CA LEU C 18 2.83 5.39 13.95
C LEU C 18 1.33 5.67 14.05
N SER C 19 0.91 6.81 13.52
CA SER C 19 -0.49 7.21 13.55
C SER C 19 -1.35 6.38 12.59
N GLU C 20 -0.89 5.18 12.28
CA GLU C 20 -1.60 4.28 11.37
C GLU C 20 -1.57 4.81 9.93
N GLU C 21 -1.65 6.12 9.76
CA GLU C 21 -1.57 6.69 8.43
C GLU C 21 -0.11 6.61 8.02
N GLN C 22 0.76 6.55 9.03
CA GLN C 22 2.20 6.42 8.82
C GLN C 22 2.47 4.94 8.65
N LEU C 23 1.60 4.13 9.24
CA LEU C 23 1.71 2.67 9.15
C LEU C 23 1.51 2.30 7.69
N ILE C 24 0.52 2.93 7.06
CA ILE C 24 0.24 2.69 5.65
C ILE C 24 1.38 3.28 4.83
N GLU C 25 1.95 4.38 5.32
CA GLU C 25 3.06 5.04 4.64
C GLU C 25 4.30 4.15 4.55
N ILE C 26 4.76 3.63 5.68
CA ILE C 26 5.93 2.77 5.70
C ILE C 26 5.71 1.51 4.86
N GLY C 27 4.54 0.91 5.04
CA GLY C 27 4.22 -0.30 4.31
C GLY C 27 4.24 -0.08 2.82
N GLU C 28 3.63 1.01 2.37
CA GLU C 28 3.60 1.29 0.94
C GLU C 28 4.98 1.67 0.43
N LEU C 29 5.75 2.35 1.27
CA LEU C 29 7.11 2.73 0.91
C LEU C 29 7.92 1.46 0.63
N ALA C 30 7.79 0.48 1.51
CA ALA C 30 8.49 -0.79 1.36
C ALA C 30 7.99 -1.55 0.13
N GLN C 31 6.68 -1.63 -0.04
CA GLN C 31 6.10 -2.31 -1.20
C GLN C 31 6.58 -1.69 -2.53
N GLU C 32 6.45 -0.37 -2.64
CA GLU C 32 6.85 0.36 -3.85
C GLU C 32 8.33 0.25 -4.16
N THR C 33 9.15 0.22 -3.11
CA THR C 33 10.59 0.10 -3.31
C THR C 33 10.83 -1.29 -3.93
N ILE C 34 10.23 -2.33 -3.36
CA ILE C 34 10.41 -3.68 -3.89
C ILE C 34 9.90 -3.75 -5.32
N ILE C 35 8.65 -3.34 -5.51
CA ILE C 35 8.04 -3.37 -6.81
C ILE C 35 8.76 -2.53 -7.87
N ASP C 36 9.24 -1.34 -7.50
CA ASP C 36 9.95 -0.53 -8.49
C ASP C 36 11.26 -1.22 -8.87
N TYR C 37 11.90 -1.85 -7.89
CA TYR C 37 13.16 -2.55 -8.15
C TYR C 37 12.95 -3.70 -9.14
N VAL C 38 11.98 -4.56 -8.84
CA VAL C 38 11.69 -5.70 -9.69
C VAL C 38 11.41 -5.26 -11.13
N PHE C 39 10.53 -4.29 -11.32
CA PHE C 39 10.19 -3.84 -12.65
C PHE C 39 11.26 -2.97 -13.32
N ASP C 40 12.31 -2.63 -12.57
CA ASP C 40 13.38 -1.85 -13.17
C ASP C 40 14.25 -2.86 -13.92
N HIS C 41 14.11 -4.14 -13.59
CA HIS C 41 14.89 -5.21 -14.21
C HIS C 41 14.10 -6.25 -14.98
N LEU C 42 12.79 -6.20 -14.89
CA LEU C 42 11.94 -7.14 -15.62
C LEU C 42 10.81 -6.39 -16.28
N THR C 43 10.38 -6.89 -17.43
CA THR C 43 9.27 -6.27 -18.14
C THR C 43 8.00 -6.98 -17.71
N ARG C 44 6.86 -6.38 -18.03
CA ARG C 44 5.57 -6.94 -17.71
C ARG C 44 5.46 -8.40 -18.13
N SER C 45 5.92 -8.69 -19.34
CA SER C 45 5.85 -10.04 -19.86
C SER C 45 6.72 -11.03 -19.11
N GLU C 46 7.84 -10.55 -18.57
CA GLU C 46 8.75 -11.45 -17.86
C GLU C 46 8.27 -11.83 -16.45
N VAL C 47 7.22 -11.19 -15.99
CA VAL C 47 6.65 -11.47 -14.68
C VAL C 47 5.40 -12.33 -14.85
N LYS C 48 5.52 -13.62 -14.60
CA LYS C 48 4.40 -14.54 -14.73
C LYS C 48 3.41 -14.25 -13.59
N ASP C 49 3.95 -14.05 -12.40
CA ASP C 49 3.13 -13.78 -11.23
C ASP C 49 3.90 -13.07 -10.13
N ILE C 50 3.34 -11.97 -9.64
CA ILE C 50 3.96 -11.25 -8.55
C ILE C 50 2.88 -11.06 -7.49
N GLU C 51 3.23 -11.38 -6.24
CA GLU C 51 2.28 -11.26 -5.15
C GLU C 51 2.86 -10.42 -4.02
N VAL C 52 2.12 -9.39 -3.62
CA VAL C 52 2.55 -8.49 -2.58
C VAL C 52 1.53 -8.43 -1.43
N THR C 53 1.96 -8.82 -0.24
CA THR C 53 1.09 -8.82 0.93
C THR C 53 1.54 -7.81 1.98
N MET C 54 0.64 -6.91 2.37
CA MET C 54 0.96 -5.94 3.42
C MET C 54 0.31 -6.55 4.65
N ARG C 55 1.11 -6.84 5.66
CA ARG C 55 0.61 -7.45 6.89
C ARG C 55 0.90 -6.60 8.12
N ILE C 56 -0.11 -6.43 8.95
CA ILE C 56 0.04 -5.69 10.20
C ILE C 56 -0.36 -6.61 11.35
N ASN C 57 0.63 -7.01 12.15
CA ASN C 57 0.42 -7.90 13.28
C ASN C 57 0.44 -7.08 14.57
N ARG C 58 -0.59 -7.23 15.39
CA ARG C 58 -0.71 -6.47 16.64
C ARG C 58 -1.10 -7.35 17.81
N GLU C 59 -0.26 -7.37 18.85
CA GLU C 59 -0.54 -8.17 20.03
C GLU C 59 0.42 -7.77 21.14
N GLU C 60 1.58 -8.42 21.20
CA GLU C 60 2.59 -8.11 22.21
C GLU C 60 3.26 -6.83 21.71
N THR C 61 3.50 -6.77 20.42
CA THR C 61 4.12 -5.61 19.77
C THR C 61 3.49 -5.35 18.40
N LEU C 62 3.62 -4.12 17.92
CA LEU C 62 3.07 -3.73 16.62
C LEU C 62 4.07 -3.90 15.48
N ASP C 63 3.81 -4.88 14.60
CA ASP C 63 4.71 -5.12 13.47
C ASP C 63 4.04 -4.97 12.12
N LEU C 64 4.88 -4.69 11.12
CA LEU C 64 4.44 -4.54 9.75
C LEU C 64 5.33 -5.49 8.95
N GLU C 65 4.73 -6.24 8.05
CA GLU C 65 5.49 -7.14 7.21
C GLU C 65 5.01 -6.99 5.78
N ILE C 66 5.97 -7.02 4.86
CA ILE C 66 5.66 -6.94 3.45
C ILE C 66 6.24 -8.21 2.89
N GLU C 67 5.38 -9.09 2.40
CA GLU C 67 5.83 -10.36 1.83
C GLU C 67 5.71 -10.29 0.33
N VAL C 68 6.75 -10.69 -0.38
CA VAL C 68 6.72 -10.66 -1.83
C VAL C 68 7.05 -12.03 -2.44
N TYR C 69 6.24 -12.44 -3.41
CA TYR C 69 6.48 -13.69 -4.12
C TYR C 69 6.61 -13.30 -5.59
N LEU C 70 7.64 -13.83 -6.24
CA LEU C 70 7.87 -13.51 -7.65
C LEU C 70 8.14 -14.77 -8.43
N GLU C 71 7.47 -14.91 -9.57
CA GLU C 71 7.66 -16.07 -10.44
C GLU C 71 7.72 -15.59 -11.87
N VAL C 72 8.64 -16.15 -12.64
CA VAL C 72 8.81 -15.78 -14.03
C VAL C 72 8.57 -17.00 -14.91
N PRO C 73 8.32 -16.79 -16.21
CA PRO C 73 8.09 -17.91 -17.12
C PRO C 73 9.31 -18.82 -17.06
N ILE C 74 9.12 -20.09 -17.38
CA ILE C 74 10.21 -21.06 -17.36
C ILE C 74 11.37 -20.68 -18.26
N PHE C 75 11.09 -19.95 -19.35
CA PHE C 75 12.13 -19.56 -20.27
C PHE C 75 12.81 -18.22 -19.97
N VAL C 76 12.42 -17.58 -18.88
CA VAL C 76 13.07 -16.32 -18.53
C VAL C 76 14.38 -16.62 -17.80
N LYS C 77 15.45 -15.97 -18.21
CA LYS C 77 16.75 -16.21 -17.60
C LYS C 77 17.09 -15.11 -16.60
N VAL C 78 16.89 -15.42 -15.31
CA VAL C 78 17.18 -14.48 -14.24
C VAL C 78 17.17 -15.23 -12.92
N ASP C 79 18.02 -14.84 -11.98
CA ASP C 79 18.04 -15.50 -10.69
C ASP C 79 17.05 -14.75 -9.80
N VAL C 80 15.83 -15.27 -9.74
CA VAL C 80 14.76 -14.67 -8.97
C VAL C 80 15.11 -14.42 -7.51
N ASP C 81 15.66 -15.43 -6.84
CA ASP C 81 16.03 -15.28 -5.45
C ASP C 81 16.96 -14.08 -5.22
N LYS C 82 17.96 -13.94 -6.08
CA LYS C 82 18.89 -12.84 -5.95
C LYS C 82 18.25 -11.50 -6.29
N LEU C 83 17.33 -11.50 -7.25
CA LEU C 83 16.66 -10.27 -7.61
C LEU C 83 15.83 -9.80 -6.42
N ILE C 84 15.07 -10.74 -5.84
CA ILE C 84 14.22 -10.44 -4.69
C ILE C 84 15.08 -9.99 -3.50
N ASP C 85 16.22 -10.64 -3.29
CA ASP C 85 17.12 -10.26 -2.19
C ASP C 85 17.56 -8.79 -2.35
N GLU C 86 17.98 -8.44 -3.57
CA GLU C 86 18.43 -7.09 -3.85
C GLU C 86 17.32 -6.09 -3.62
N ALA C 87 16.12 -6.41 -4.10
CA ALA C 87 14.98 -5.52 -3.94
C ALA C 87 14.65 -5.31 -2.47
N VAL C 88 14.69 -6.39 -1.70
CA VAL C 88 14.38 -6.33 -0.28
C VAL C 88 15.45 -5.59 0.50
N GLU C 89 16.71 -5.83 0.20
CA GLU C 89 17.79 -5.14 0.89
C GLU C 89 17.60 -3.64 0.66
N ARG C 90 17.24 -3.27 -0.56
CA ARG C 90 17.01 -1.87 -0.91
C ARG C 90 15.82 -1.33 -0.12
N ALA C 91 14.79 -2.13 0.05
CA ALA C 91 13.62 -1.68 0.79
C ALA C 91 13.99 -1.44 2.25
N TYR C 92 14.79 -2.34 2.82
CA TYR C 92 15.21 -2.18 4.21
C TYR C 92 15.94 -0.84 4.40
N GLU C 93 16.86 -0.54 3.49
CA GLU C 93 17.62 0.71 3.56
C GLU C 93 16.68 1.92 3.54
N ILE C 94 15.80 1.97 2.54
CA ILE C 94 14.85 3.08 2.42
C ILE C 94 13.93 3.16 3.61
N VAL C 95 13.37 2.02 4.02
CA VAL C 95 12.48 2.03 5.17
C VAL C 95 13.19 2.53 6.42
N GLU C 96 14.34 1.93 6.73
CA GLU C 96 15.10 2.34 7.91
C GLU C 96 15.41 3.84 7.91
N ARG C 97 15.66 4.42 6.73
CA ARG C 97 15.94 5.86 6.64
C ARG C 97 14.71 6.66 7.09
N LYS C 98 13.55 6.29 6.57
CA LYS C 98 12.31 6.97 6.92
C LYS C 98 12.02 6.85 8.41
N LEU C 99 12.39 5.72 9.00
CA LEU C 99 12.18 5.50 10.43
C LEU C 99 13.17 6.35 11.22
N ARG C 100 14.39 6.45 10.75
CA ARG C 100 15.41 7.29 11.34
C ARG C 100 14.81 8.70 11.44
N GLU C 101 14.26 9.15 10.34
CA GLU C 101 13.56 10.40 10.24
C GLU C 101 12.29 10.69 11.10
N ILE C 102 11.31 9.82 11.11
CA ILE C 102 10.21 9.98 12.01
C ILE C 102 10.69 10.07 13.45
N ALA C 103 11.60 9.23 13.82
CA ALA C 103 12.27 9.20 15.12
C ALA C 103 12.94 10.53 15.42
N ASN C 104 13.90 10.91 14.57
CA ASN C 104 14.64 12.16 14.76
C ASN C 104 13.73 13.38 14.62
N GLU C 105 12.42 13.15 14.68
CA GLU C 105 11.45 14.23 14.57
C GLU C 105 10.67 14.42 15.87
N ARG C 106 10.85 13.49 16.80
CA ARG C 106 10.18 13.55 18.09
C ARG C 106 11.17 13.46 19.24
N SER D 5 -11.23 -15.62 16.34
CA SER D 5 -11.88 -16.01 15.06
C SER D 5 -11.21 -15.30 13.86
N SER D 6 -11.20 -15.96 12.71
CA SER D 6 -10.58 -15.38 11.52
C SER D 6 -11.45 -15.55 10.30
N GLY D 7 -11.08 -14.86 9.23
CA GLY D 7 -11.83 -14.95 7.99
C GLY D 7 -10.90 -14.65 6.83
N LYS D 8 -11.28 -15.08 5.64
CA LYS D 8 -10.48 -14.85 4.45
C LYS D 8 -11.37 -14.74 3.24
N ARG D 9 -11.24 -13.66 2.47
CA ARG D 9 -12.06 -13.47 1.28
C ARG D 9 -11.17 -13.09 0.11
N VAL D 10 -11.62 -13.41 -1.10
CA VAL D 10 -10.86 -13.12 -2.30
C VAL D 10 -11.77 -12.60 -3.41
N ILE D 11 -11.30 -11.57 -4.11
CA ILE D 11 -12.03 -10.99 -5.23
C ILE D 11 -11.06 -10.92 -6.40
N HIS D 12 -11.62 -10.77 -7.59
CA HIS D 12 -10.83 -10.67 -8.80
C HIS D 12 -11.37 -9.53 -9.63
N ILE D 13 -10.47 -8.77 -10.25
CA ILE D 13 -10.88 -7.64 -11.06
C ILE D 13 -10.23 -7.76 -12.44
N GLY D 14 -11.02 -7.58 -13.48
CA GLY D 14 -10.49 -7.67 -14.83
C GLY D 14 -10.09 -6.28 -15.28
N LEU D 15 -8.79 -6.09 -15.49
CA LEU D 15 -8.25 -4.79 -15.89
C LEU D 15 -7.17 -4.98 -16.95
N PRO D 16 -7.48 -5.67 -18.06
CA PRO D 16 -6.50 -5.89 -19.13
C PRO D 16 -6.00 -4.62 -19.82
N GLU D 17 -6.82 -3.56 -19.79
CA GLU D 17 -6.47 -2.30 -20.42
C GLU D 17 -5.46 -1.49 -19.60
N LEU D 18 -5.28 -1.87 -18.34
CA LEU D 18 -4.36 -1.15 -17.48
C LEU D 18 -2.90 -1.51 -17.70
N SER D 19 -2.04 -0.51 -17.53
CA SER D 19 -0.61 -0.70 -17.66
C SER D 19 -0.17 -1.41 -16.38
N GLU D 20 0.99 -2.06 -16.41
CA GLU D 20 1.47 -2.75 -15.23
C GLU D 20 1.48 -1.80 -14.04
N GLU D 21 2.14 -0.65 -14.20
CA GLU D 21 2.21 0.34 -13.12
C GLU D 21 0.83 0.80 -12.65
N GLN D 22 -0.09 0.93 -13.60
CA GLN D 22 -1.43 1.37 -13.26
C GLN D 22 -2.11 0.27 -12.44
N LEU D 23 -1.89 -0.97 -12.85
CA LEU D 23 -2.46 -2.11 -12.16
C LEU D 23 -1.96 -2.19 -10.72
N ILE D 24 -0.67 -1.93 -10.53
CA ILE D 24 -0.07 -1.95 -9.20
C ILE D 24 -0.64 -0.85 -8.31
N GLU D 25 -0.83 0.32 -8.88
CA GLU D 25 -1.38 1.46 -8.15
C GLU D 25 -2.80 1.15 -7.65
N ILE D 26 -3.58 0.45 -8.48
CA ILE D 26 -4.95 0.10 -8.14
C ILE D 26 -4.98 -0.91 -6.99
N GLY D 27 -4.14 -1.93 -7.07
CA GLY D 27 -4.10 -2.93 -6.02
C GLY D 27 -3.58 -2.35 -4.72
N GLU D 28 -2.71 -1.35 -4.81
CA GLU D 28 -2.17 -0.75 -3.59
C GLU D 28 -3.25 0.08 -2.92
N LEU D 29 -4.03 0.79 -3.74
CA LEU D 29 -5.11 1.61 -3.22
C LEU D 29 -6.13 0.72 -2.51
N ALA D 30 -6.41 -0.44 -3.09
CA ALA D 30 -7.36 -1.38 -2.49
C ALA D 30 -6.87 -1.86 -1.13
N GLN D 31 -5.60 -2.22 -1.03
CA GLN D 31 -5.02 -2.69 0.22
C GLN D 31 -5.19 -1.64 1.31
N GLU D 32 -4.77 -0.42 0.98
CA GLU D 32 -4.84 0.71 1.91
C GLU D 32 -6.25 0.99 2.40
N THR D 33 -7.20 0.99 1.47
CA THR D 33 -8.60 1.28 1.81
C THR D 33 -9.17 0.18 2.72
N ILE D 34 -8.83 -1.06 2.41
CA ILE D 34 -9.31 -2.20 3.17
C ILE D 34 -8.78 -2.13 4.60
N ILE D 35 -7.49 -1.86 4.73
CA ILE D 35 -6.88 -1.75 6.03
C ILE D 35 -7.47 -0.57 6.82
N ASP D 36 -7.61 0.58 6.17
CA ASP D 36 -8.16 1.75 6.83
C ASP D 36 -9.57 1.47 7.32
N TYR D 37 -10.38 0.85 6.48
CA TYR D 37 -11.73 0.53 6.88
C TYR D 37 -11.69 -0.35 8.12
N VAL D 38 -10.88 -1.41 8.08
CA VAL D 38 -10.80 -2.32 9.22
C VAL D 38 -10.40 -1.65 10.52
N PHE D 39 -9.35 -0.83 10.46
CA PHE D 39 -8.87 -0.12 11.64
C PHE D 39 -9.82 0.99 12.08
N ASP D 40 -10.73 1.36 11.19
CA ASP D 40 -11.70 2.39 11.51
C ASP D 40 -12.92 1.78 12.19
N HIS D 41 -13.14 0.48 12.02
CA HIS D 41 -14.29 -0.13 12.66
C HIS D 41 -13.95 -1.06 13.80
N LEU D 42 -12.66 -1.24 14.04
CA LEU D 42 -12.23 -2.11 15.14
C LEU D 42 -11.41 -1.34 16.14
N THR D 43 -11.71 -1.59 17.41
CA THR D 43 -11.06 -0.92 18.53
C THR D 43 -9.62 -1.34 18.80
N ARG D 44 -8.68 -0.56 18.27
CA ARG D 44 -7.26 -0.82 18.49
C ARG D 44 -6.85 -2.28 18.37
N SER D 45 -6.37 -2.86 19.47
CA SER D 45 -5.90 -4.25 19.52
C SER D 45 -6.92 -5.31 19.14
N GLU D 46 -8.11 -4.92 18.71
CA GLU D 46 -9.08 -5.92 18.30
C GLU D 46 -8.62 -6.52 16.98
N VAL D 47 -7.66 -5.86 16.34
CA VAL D 47 -7.11 -6.34 15.09
C VAL D 47 -5.85 -7.13 15.40
N LYS D 48 -6.03 -8.43 15.66
CA LYS D 48 -4.91 -9.29 15.96
C LYS D 48 -4.01 -9.37 14.72
N ASP D 49 -4.62 -9.53 13.55
CA ASP D 49 -3.86 -9.59 12.32
C ASP D 49 -4.69 -9.21 11.11
N ILE D 50 -4.16 -8.30 10.32
CA ILE D 50 -4.83 -7.84 9.10
C ILE D 50 -3.79 -7.82 7.99
N GLU D 51 -4.09 -8.51 6.88
CA GLU D 51 -3.18 -8.53 5.74
C GLU D 51 -3.93 -8.60 4.42
N VAL D 52 -3.51 -7.75 3.49
CA VAL D 52 -4.12 -7.70 2.19
C VAL D 52 -3.09 -8.04 1.13
N THR D 53 -3.42 -9.04 0.32
CA THR D 53 -2.53 -9.48 -0.72
C THR D 53 -3.08 -9.11 -2.08
N MET D 54 -2.18 -8.71 -2.97
CA MET D 54 -2.58 -8.37 -4.34
C MET D 54 -1.74 -9.35 -5.15
N ARG D 55 -2.39 -10.11 -6.01
CA ARG D 55 -1.68 -11.06 -6.85
C ARG D 55 -1.87 -10.66 -8.29
N ILE D 56 -0.79 -10.63 -9.05
CA ILE D 56 -0.88 -10.24 -10.45
C ILE D 56 -0.32 -11.33 -11.35
N ASN D 57 -1.24 -12.10 -11.94
CA ASN D 57 -0.92 -13.18 -12.86
C ASN D 57 -1.83 -12.90 -14.05
N ARG D 58 -1.48 -11.85 -14.77
CA ARG D 58 -2.25 -11.35 -15.93
C ARG D 58 -2.63 -12.34 -17.03
N GLU D 59 -1.73 -13.25 -17.39
CA GLU D 59 -2.03 -14.19 -18.45
C GLU D 59 -3.06 -15.27 -18.17
N GLU D 60 -2.99 -15.90 -17.00
CA GLU D 60 -3.89 -17.00 -16.66
C GLU D 60 -5.22 -16.70 -15.94
N THR D 61 -5.30 -15.56 -15.27
CA THR D 61 -6.52 -15.22 -14.53
C THR D 61 -6.81 -13.73 -14.67
N LEU D 62 -7.78 -13.23 -13.93
CA LEU D 62 -8.09 -11.81 -13.97
C LEU D 62 -6.88 -11.06 -13.44
N ASP D 63 -6.53 -10.00 -14.17
CA ASP D 63 -5.38 -9.16 -13.87
C ASP D 63 -5.06 -8.93 -12.41
N LEU D 64 -6.05 -8.47 -11.65
CA LEU D 64 -5.84 -8.19 -10.23
C LEU D 64 -6.67 -9.04 -9.29
N GLU D 65 -5.99 -9.75 -8.41
CA GLU D 65 -6.64 -10.57 -7.42
C GLU D 65 -6.28 -9.97 -6.05
N ILE D 66 -7.28 -9.79 -5.21
CA ILE D 66 -7.07 -9.23 -3.87
C ILE D 66 -7.55 -10.21 -2.83
N GLU D 67 -6.68 -10.52 -1.87
CA GLU D 67 -7.03 -11.43 -0.78
C GLU D 67 -6.91 -10.73 0.56
N VAL D 68 -7.93 -10.89 1.40
CA VAL D 68 -7.92 -10.28 2.71
C VAL D 68 -8.04 -11.34 3.78
N TYR D 69 -7.17 -11.26 4.78
CA TYR D 69 -7.22 -12.19 5.89
C TYR D 69 -7.32 -11.32 7.14
N LEU D 70 -8.27 -11.64 8.00
CA LEU D 70 -8.45 -10.87 9.22
C LEU D 70 -8.58 -11.83 10.38
N GLU D 71 -7.93 -11.48 11.48
CA GLU D 71 -7.98 -12.29 12.66
C GLU D 71 -8.08 -11.37 13.88
N VAL D 72 -8.97 -11.73 14.79
CA VAL D 72 -9.20 -10.96 16.01
C VAL D 72 -9.13 -11.91 17.19
N PRO D 73 -9.01 -11.37 18.42
CA PRO D 73 -8.93 -12.17 19.64
C PRO D 73 -10.14 -13.12 19.74
N ILE D 74 -9.95 -14.26 20.39
CA ILE D 74 -11.03 -15.23 20.53
C ILE D 74 -12.24 -14.69 21.32
N PHE D 75 -12.00 -13.76 22.23
CA PHE D 75 -13.05 -13.19 23.07
C PHE D 75 -13.84 -12.04 22.41
N VAL D 76 -13.33 -11.54 21.29
CA VAL D 76 -14.00 -10.45 20.60
C VAL D 76 -15.11 -11.00 19.70
N LYS D 77 -16.31 -10.45 19.83
CA LYS D 77 -17.43 -10.91 19.01
C LYS D 77 -17.66 -10.01 17.80
N VAL D 78 -17.36 -10.55 16.63
CA VAL D 78 -17.50 -9.83 15.36
C VAL D 78 -17.64 -10.86 14.26
N ASP D 79 -18.40 -10.54 13.22
CA ASP D 79 -18.55 -11.48 12.11
C ASP D 79 -17.44 -11.09 11.14
N VAL D 80 -16.27 -11.69 11.34
CA VAL D 80 -15.10 -11.41 10.52
C VAL D 80 -15.34 -11.41 9.01
N ASP D 81 -16.03 -12.43 8.50
CA ASP D 81 -16.28 -12.49 7.06
C ASP D 81 -17.11 -11.29 6.59
N LYS D 82 -18.15 -10.93 7.34
CA LYS D 82 -18.98 -9.79 6.95
C LYS D 82 -18.20 -8.49 7.01
N LEU D 83 -17.29 -8.38 7.97
CA LEU D 83 -16.46 -7.17 8.10
C LEU D 83 -15.55 -7.08 6.88
N ILE D 84 -14.96 -8.21 6.49
CA ILE D 84 -14.08 -8.23 5.33
C ILE D 84 -14.86 -7.88 4.06
N ASP D 85 -16.08 -8.39 3.95
CA ASP D 85 -16.88 -8.09 2.76
C ASP D 85 -17.21 -6.60 2.66
N GLU D 86 -17.49 -5.96 3.80
CA GLU D 86 -17.82 -4.54 3.81
C GLU D 86 -16.59 -3.71 3.45
N ALA D 87 -15.43 -4.14 3.92
CA ALA D 87 -14.18 -3.44 3.64
C ALA D 87 -13.85 -3.55 2.15
N VAL D 88 -14.06 -4.73 1.59
CA VAL D 88 -13.77 -4.98 0.19
C VAL D 88 -14.70 -4.17 -0.70
N GLU D 89 -15.99 -4.13 -0.35
CA GLU D 89 -16.96 -3.35 -1.12
C GLU D 89 -16.56 -1.89 -1.13
N ARG D 90 -16.19 -1.37 0.03
CA ARG D 90 -15.77 0.02 0.14
C ARG D 90 -14.53 0.25 -0.71
N ALA D 91 -13.59 -0.67 -0.61
CA ALA D 91 -12.35 -0.60 -1.37
C ALA D 91 -12.66 -0.62 -2.85
N TYR D 92 -13.57 -1.50 -3.25
CA TYR D 92 -13.92 -1.60 -4.65
C TYR D 92 -14.54 -0.30 -5.16
N GLU D 93 -15.37 0.33 -4.33
CA GLU D 93 -16.01 1.57 -4.74
C GLU D 93 -14.95 2.66 -4.92
N ILE D 94 -13.98 2.71 -4.00
CA ILE D 94 -12.92 3.70 -4.11
C ILE D 94 -12.16 3.42 -5.41
N VAL D 95 -11.92 2.14 -5.69
CA VAL D 95 -11.21 1.74 -6.89
C VAL D 95 -11.93 2.16 -8.17
N GLU D 96 -13.25 1.96 -8.22
CA GLU D 96 -14.00 2.34 -9.41
C GLU D 96 -13.78 3.81 -9.71
N ARG D 97 -13.94 4.65 -8.68
CA ARG D 97 -13.75 6.07 -8.84
C ARG D 97 -12.36 6.34 -9.40
N LYS D 98 -11.34 5.68 -8.87
CA LYS D 98 -9.99 5.88 -9.37
C LYS D 98 -9.92 5.52 -10.85
N LEU D 99 -10.51 4.39 -11.24
CA LEU D 99 -10.50 3.97 -12.64
C LEU D 99 -11.23 4.99 -13.54
N ARG D 100 -12.35 5.54 -13.05
CA ARG D 100 -13.07 6.54 -13.83
C ARG D 100 -12.12 7.70 -14.07
N GLU D 101 -11.48 8.16 -12.98
CA GLU D 101 -10.53 9.25 -13.05
C GLU D 101 -9.42 8.92 -14.05
N ILE D 102 -8.74 7.80 -13.82
CA ILE D 102 -7.66 7.37 -14.71
C ILE D 102 -8.15 7.40 -16.15
N ALA D 103 -9.00 6.46 -16.50
CA ALA D 103 -9.56 6.38 -17.85
C ALA D 103 -10.59 7.49 -18.03
N LYS E 3 -48.96 15.17 -16.28
CA LYS E 3 -48.67 15.07 -14.82
C LYS E 3 -48.00 13.75 -14.45
N GLY E 4 -46.99 13.82 -13.61
CA GLY E 4 -46.27 12.63 -13.23
C GLY E 4 -45.09 12.50 -14.18
N SER E 5 -45.05 13.40 -15.15
CA SER E 5 -43.96 13.41 -16.14
C SER E 5 -42.90 14.42 -15.74
N SER E 6 -43.07 15.05 -14.57
CA SER E 6 -42.07 16.00 -14.09
C SER E 6 -42.02 16.05 -12.58
N GLY E 7 -40.92 16.57 -12.06
CA GLY E 7 -40.79 16.67 -10.62
C GLY E 7 -39.75 17.71 -10.28
N LYS E 8 -39.89 18.31 -9.11
CA LYS E 8 -38.93 19.30 -8.71
C LYS E 8 -38.64 19.14 -7.24
N ARG E 9 -37.44 19.50 -6.84
CA ARG E 9 -37.03 19.37 -5.46
C ARG E 9 -36.05 20.47 -5.07
N VAL E 10 -36.28 21.10 -3.93
CA VAL E 10 -35.40 22.13 -3.43
C VAL E 10 -34.77 21.73 -2.11
N ILE E 11 -33.43 21.72 -2.08
CA ILE E 11 -32.70 21.41 -0.86
C ILE E 11 -31.66 22.51 -0.59
N HIS E 12 -31.16 22.51 0.64
CA HIS E 12 -30.14 23.46 1.06
C HIS E 12 -29.03 22.60 1.64
N ILE E 13 -27.79 22.82 1.21
CA ILE E 13 -26.65 22.06 1.70
C ILE E 13 -25.86 22.90 2.71
N GLY E 14 -25.74 22.40 3.93
CA GLY E 14 -25.01 23.11 4.96
C GLY E 14 -23.52 23.12 4.64
N LEU E 15 -22.92 24.30 4.65
CA LEU E 15 -21.51 24.41 4.32
C LEU E 15 -20.65 25.09 5.39
N PRO E 16 -19.44 24.56 5.61
CA PRO E 16 -18.52 25.14 6.59
C PRO E 16 -17.86 26.33 5.91
N GLU E 17 -17.11 27.14 6.64
CA GLU E 17 -16.45 28.27 6.03
C GLU E 17 -15.68 27.78 4.80
N LEU E 18 -15.99 28.36 3.65
CA LEU E 18 -15.34 27.98 2.41
C LEU E 18 -14.93 29.18 1.59
N SER E 19 -13.89 28.96 0.77
CA SER E 19 -13.39 29.97 -0.14
C SER E 19 -14.46 30.21 -1.18
N GLU E 20 -14.55 31.43 -1.69
CA GLU E 20 -15.54 31.75 -2.72
C GLU E 20 -15.49 30.70 -3.81
N GLU E 21 -14.28 30.47 -4.31
CA GLU E 21 -14.03 29.50 -5.36
C GLU E 21 -14.51 28.09 -4.94
N GLN E 22 -14.45 27.82 -3.64
CA GLN E 22 -14.86 26.52 -3.11
C GLN E 22 -16.38 26.37 -3.05
N LEU E 23 -17.08 27.44 -2.68
CA LEU E 23 -18.54 27.41 -2.61
C LEU E 23 -19.13 27.04 -3.96
N ILE E 24 -18.60 27.60 -5.00
CA ILE E 24 -19.07 27.38 -6.32
C ILE E 24 -18.75 25.95 -6.75
N GLU E 25 -17.55 25.53 -6.46
CA GLU E 25 -17.11 24.18 -6.77
C GLU E 25 -18.06 23.15 -6.15
N ILE E 26 -18.42 23.37 -4.88
CA ILE E 26 -19.31 22.46 -4.19
C ILE E 26 -20.69 22.45 -4.82
N GLY E 27 -21.16 23.63 -5.24
CA GLY E 27 -22.45 23.74 -5.87
C GLY E 27 -22.45 22.99 -7.20
N GLU E 28 -21.38 23.17 -7.97
CA GLU E 28 -21.25 22.52 -9.26
C GLU E 28 -21.08 21.02 -9.08
N LEU E 29 -20.44 20.64 -7.97
CA LEU E 29 -20.24 19.22 -7.68
C LEU E 29 -21.60 18.56 -7.47
N ALA E 30 -22.49 19.27 -6.75
CA ALA E 30 -23.84 18.76 -6.51
C ALA E 30 -24.60 18.66 -7.85
N GLN E 31 -24.48 19.70 -8.67
CA GLN E 31 -25.15 19.73 -9.98
C GLN E 31 -24.73 18.54 -10.82
N GLU E 32 -23.42 18.40 -10.99
CA GLU E 32 -22.82 17.33 -11.77
C GLU E 32 -23.24 15.94 -11.30
N THR E 33 -23.23 15.73 -9.99
CA THR E 33 -23.61 14.43 -9.43
C THR E 33 -25.05 14.09 -9.73
N ILE E 34 -25.95 15.06 -9.54
CA ILE E 34 -27.37 14.83 -9.80
C ILE E 34 -27.65 14.59 -11.27
N ILE E 35 -27.00 15.37 -12.13
CA ILE E 35 -27.19 15.23 -13.58
C ILE E 35 -26.69 13.86 -14.08
N ASP E 36 -25.48 13.49 -13.67
CA ASP E 36 -24.90 12.21 -14.05
C ASP E 36 -25.73 11.06 -13.55
N TYR E 37 -26.17 11.15 -12.29
CA TYR E 37 -26.98 10.09 -11.71
C TYR E 37 -28.22 9.87 -12.55
N VAL E 38 -28.96 10.94 -12.79
CA VAL E 38 -30.17 10.87 -13.58
C VAL E 38 -29.90 10.29 -14.96
N PHE E 39 -28.76 10.69 -15.53
CA PHE E 39 -28.39 10.23 -16.86
C PHE E 39 -27.95 8.77 -16.88
N ASP E 40 -27.41 8.28 -15.76
CA ASP E 40 -26.96 6.90 -15.69
C ASP E 40 -28.03 5.91 -15.26
N HIS E 41 -29.16 6.40 -14.77
CA HIS E 41 -30.23 5.51 -14.32
C HIS E 41 -31.50 5.66 -15.11
N LEU E 42 -31.43 6.41 -16.20
CA LEU E 42 -32.60 6.64 -17.01
C LEU E 42 -32.27 6.34 -18.47
N THR E 43 -33.25 5.85 -19.21
CA THR E 43 -33.06 5.55 -20.62
C THR E 43 -32.73 6.85 -21.33
N ARG E 44 -31.79 6.79 -22.26
CA ARG E 44 -31.36 7.99 -22.98
C ARG E 44 -32.52 8.79 -23.58
N SER E 45 -33.54 8.10 -24.09
CA SER E 45 -34.67 8.77 -24.69
C SER E 45 -35.67 9.35 -23.69
N GLU E 46 -35.56 8.97 -22.42
CA GLU E 46 -36.48 9.45 -21.39
C GLU E 46 -36.04 10.73 -20.68
N VAL E 47 -34.79 11.12 -20.87
CA VAL E 47 -34.27 12.32 -20.21
C VAL E 47 -34.61 13.55 -21.04
N LYS E 48 -35.89 13.91 -21.06
CA LYS E 48 -36.37 15.06 -21.81
C LYS E 48 -35.73 16.32 -21.30
N ASP E 49 -35.69 16.48 -19.99
CA ASP E 49 -35.05 17.64 -19.40
C ASP E 49 -34.58 17.37 -17.99
N ILE E 50 -33.29 17.59 -17.77
CA ILE E 50 -32.73 17.45 -16.45
C ILE E 50 -31.88 18.69 -16.17
N GLU E 51 -32.22 19.40 -15.11
CA GLU E 51 -31.48 20.59 -14.76
C GLU E 51 -31.36 20.76 -13.26
N VAL E 52 -30.20 21.26 -12.84
CA VAL E 52 -29.95 21.54 -11.46
C VAL E 52 -29.51 23.00 -11.37
N THR E 53 -30.19 23.76 -10.53
CA THR E 53 -29.91 25.17 -10.34
C THR E 53 -29.24 25.43 -8.99
N MET E 54 -28.14 26.16 -8.99
CA MET E 54 -27.50 26.51 -7.74
C MET E 54 -27.79 28.00 -7.51
N ARG E 55 -28.41 28.29 -6.36
CA ARG E 55 -28.81 29.64 -5.98
C ARG E 55 -27.91 30.12 -4.86
N ILE E 56 -27.25 31.26 -5.06
CA ILE E 56 -26.32 31.80 -4.06
C ILE E 56 -26.69 33.18 -3.52
N ASN E 57 -26.25 33.45 -2.28
CA ASN E 57 -26.50 34.72 -1.61
C ASN E 57 -25.22 35.38 -1.08
N ARG E 58 -24.08 34.76 -1.39
CA ARG E 58 -22.74 35.23 -1.01
C ARG E 58 -22.54 35.92 0.35
N GLU E 59 -23.60 36.08 1.12
CA GLU E 59 -23.49 36.68 2.45
C GLU E 59 -23.70 35.56 3.44
N GLU E 60 -24.36 34.51 2.96
CA GLU E 60 -24.65 33.31 3.75
C GLU E 60 -23.88 32.18 3.10
N THR E 61 -22.55 32.25 3.20
CA THR E 61 -21.68 31.25 2.59
C THR E 61 -21.80 29.86 3.21
N LEU E 62 -22.62 29.74 4.25
CA LEU E 62 -22.82 28.45 4.89
C LEU E 62 -24.09 27.80 4.33
N ASP E 63 -24.72 28.49 3.38
CA ASP E 63 -25.95 28.00 2.76
C ASP E 63 -25.89 27.87 1.24
N LEU E 64 -26.08 26.65 0.76
CA LEU E 64 -26.07 26.40 -0.67
C LEU E 64 -27.45 25.84 -1.07
N GLU E 65 -28.22 26.64 -1.79
CA GLU E 65 -29.54 26.20 -2.22
C GLU E 65 -29.43 25.51 -3.58
N ILE E 66 -29.99 24.31 -3.67
CA ILE E 66 -29.94 23.53 -4.90
C ILE E 66 -31.35 23.12 -5.32
N GLU E 67 -31.73 23.44 -6.56
CA GLU E 67 -33.06 23.08 -7.04
C GLU E 67 -32.95 22.13 -8.23
N VAL E 68 -33.64 21.00 -8.13
CA VAL E 68 -33.61 20.00 -9.18
C VAL E 68 -34.94 19.93 -9.89
N TYR E 69 -34.90 19.91 -11.22
CA TYR E 69 -36.11 19.81 -12.01
C TYR E 69 -35.88 18.74 -13.05
N LEU E 70 -36.75 17.74 -13.08
CA LEU E 70 -36.63 16.62 -14.00
C LEU E 70 -37.93 16.46 -14.78
N GLU E 71 -37.79 16.22 -16.07
CA GLU E 71 -38.95 16.04 -16.91
C GLU E 71 -38.71 14.94 -17.91
N VAL E 72 -39.63 13.98 -17.95
CA VAL E 72 -39.55 12.87 -18.88
C VAL E 72 -40.70 13.06 -19.87
N PRO E 73 -40.67 12.35 -21.01
CA PRO E 73 -41.77 12.54 -21.96
C PRO E 73 -43.12 12.17 -21.33
N ILE E 74 -44.18 12.84 -21.78
CA ILE E 74 -45.51 12.62 -21.25
C ILE E 74 -46.05 11.21 -21.34
N PHE E 75 -45.46 10.38 -22.20
CA PHE E 75 -45.93 9.00 -22.33
C PHE E 75 -45.10 8.04 -21.47
N VAL E 76 -44.00 8.53 -20.94
CA VAL E 76 -43.11 7.73 -20.10
C VAL E 76 -43.62 7.62 -18.65
N LYS E 77 -43.51 6.42 -18.09
CA LYS E 77 -43.93 6.17 -16.71
C LYS E 77 -42.69 5.91 -15.86
N VAL E 78 -42.34 6.88 -15.02
CA VAL E 78 -41.18 6.80 -14.13
C VAL E 78 -41.56 7.55 -12.86
N ASP E 79 -41.11 7.08 -11.71
CA ASP E 79 -41.43 7.82 -10.49
C ASP E 79 -40.33 8.88 -10.38
N VAL E 80 -40.60 10.05 -10.96
CA VAL E 80 -39.64 11.16 -10.97
C VAL E 80 -39.15 11.62 -9.59
N ASP E 81 -40.05 11.66 -8.62
CA ASP E 81 -39.65 12.09 -7.28
C ASP E 81 -38.66 11.11 -6.65
N LYS E 82 -38.93 9.83 -6.78
CA LYS E 82 -38.02 8.82 -6.20
C LYS E 82 -36.66 8.84 -6.90
N LEU E 83 -36.65 9.11 -8.20
CA LEU E 83 -35.40 9.19 -8.94
C LEU E 83 -34.63 10.41 -8.44
N ILE E 84 -35.33 11.52 -8.25
CA ILE E 84 -34.69 12.73 -7.74
C ILE E 84 -34.13 12.48 -6.33
N ASP E 85 -34.92 11.84 -5.48
CA ASP E 85 -34.51 11.51 -4.12
C ASP E 85 -33.20 10.72 -4.11
N GLU E 86 -33.07 9.74 -5.00
CA GLU E 86 -31.86 8.95 -5.03
C GLU E 86 -30.70 9.78 -5.52
N ALA E 87 -30.94 10.59 -6.55
CA ALA E 87 -29.91 11.42 -7.13
C ALA E 87 -29.40 12.42 -6.09
N VAL E 88 -30.31 12.92 -5.28
CA VAL E 88 -29.94 13.88 -4.25
C VAL E 88 -29.16 13.23 -3.11
N GLU E 89 -29.56 12.03 -2.70
CA GLU E 89 -28.84 11.38 -1.62
C GLU E 89 -27.42 11.03 -2.10
N ARG E 90 -27.27 10.73 -3.38
CA ARG E 90 -25.93 10.45 -3.91
C ARG E 90 -25.12 11.75 -3.90
N ALA E 91 -25.79 12.88 -4.16
CA ALA E 91 -25.13 14.17 -4.17
C ALA E 91 -24.54 14.45 -2.78
N TYR E 92 -25.30 14.13 -1.73
CA TYR E 92 -24.83 14.34 -0.37
C TYR E 92 -23.57 13.53 -0.06
N GLU E 93 -23.50 12.31 -0.59
CA GLU E 93 -22.34 11.45 -0.38
C GLU E 93 -21.09 12.08 -1.00
N ILE E 94 -21.20 12.39 -2.29
CA ILE E 94 -20.09 12.97 -3.02
C ILE E 94 -19.68 14.36 -2.52
N VAL E 95 -20.65 15.19 -2.16
CA VAL E 95 -20.36 16.52 -1.65
C VAL E 95 -19.65 16.41 -0.29
N GLU E 96 -20.17 15.54 0.57
CA GLU E 96 -19.59 15.34 1.90
C GLU E 96 -18.17 14.76 1.85
N ARG E 97 -17.91 13.91 0.86
CA ARG E 97 -16.60 13.33 0.69
C ARG E 97 -15.62 14.44 0.29
N LYS E 98 -16.04 15.28 -0.65
CA LYS E 98 -15.20 16.38 -1.10
C LYS E 98 -14.92 17.37 0.03
N LEU E 99 -15.89 17.57 0.93
CA LEU E 99 -15.66 18.49 2.04
C LEU E 99 -14.62 17.91 2.99
N ARG E 100 -14.73 16.61 3.27
CA ARG E 100 -13.78 15.95 4.15
C ARG E 100 -12.39 16.07 3.54
N GLU E 101 -12.33 15.85 2.22
CA GLU E 101 -11.08 15.93 1.48
C GLU E 101 -10.47 17.32 1.66
N ILE E 102 -11.32 18.34 1.58
CA ILE E 102 -10.88 19.72 1.73
C ILE E 102 -10.47 20.02 3.16
N ALA E 103 -11.32 19.63 4.11
CA ALA E 103 -11.06 19.86 5.52
C ALA E 103 -9.86 19.05 6.01
N ASN E 104 -9.35 18.16 5.16
CA ASN E 104 -8.21 17.34 5.52
C ASN E 104 -6.91 18.08 5.20
N GLU E 105 -6.88 18.74 4.05
CA GLU E 105 -5.72 19.49 3.63
C GLU E 105 -5.69 20.82 4.40
N ARG E 106 -5.91 20.72 5.71
CA ARG E 106 -5.93 21.88 6.59
C ARG E 106 -7.06 22.83 6.23
N SER F 5 -34.16 45.36 -10.18
CA SER F 5 -33.80 44.96 -11.53
C SER F 5 -33.36 43.49 -11.56
N SER F 6 -33.85 42.74 -12.55
CA SER F 6 -33.51 41.34 -12.70
C SER F 6 -33.42 40.97 -14.18
N GLY F 7 -32.82 39.82 -14.47
CA GLY F 7 -32.69 39.40 -15.85
C GLY F 7 -32.14 37.99 -16.00
N LYS F 8 -32.21 37.45 -17.20
CA LYS F 8 -31.71 36.11 -17.45
C LYS F 8 -31.24 35.91 -18.88
N ARG F 9 -30.42 34.89 -19.08
CA ARG F 9 -29.90 34.56 -20.39
C ARG F 9 -29.61 33.07 -20.39
N VAL F 10 -29.70 32.48 -21.58
CA VAL F 10 -29.43 31.08 -21.75
C VAL F 10 -28.34 30.91 -22.80
N ILE F 11 -27.37 30.07 -22.49
CA ILE F 11 -26.30 29.75 -23.42
C ILE F 11 -26.63 28.34 -23.88
N HIS F 12 -26.81 28.16 -25.18
CA HIS F 12 -27.17 26.87 -25.73
C HIS F 12 -26.04 26.24 -26.55
N ILE F 13 -25.73 24.99 -26.22
CA ILE F 13 -24.68 24.27 -26.92
C ILE F 13 -25.24 22.96 -27.47
N GLY F 14 -25.37 22.88 -28.80
CA GLY F 14 -25.91 21.69 -29.42
C GLY F 14 -24.99 21.04 -30.42
N LEU F 15 -24.08 20.20 -29.92
CA LEU F 15 -23.12 19.50 -30.77
C LEU F 15 -23.18 17.99 -30.48
N PRO F 16 -23.78 17.21 -31.39
CA PRO F 16 -23.95 15.76 -31.32
C PRO F 16 -22.73 14.91 -30.96
N GLU F 17 -21.54 15.35 -31.35
CA GLU F 17 -20.34 14.58 -31.07
C GLU F 17 -19.83 14.72 -29.65
N LEU F 18 -20.42 15.63 -28.88
CA LEU F 18 -20.00 15.85 -27.49
C LEU F 18 -20.62 14.85 -26.51
N SER F 19 -19.78 14.39 -25.60
CA SER F 19 -20.18 13.46 -24.58
C SER F 19 -20.89 14.15 -23.43
N GLU F 20 -21.73 13.44 -22.72
CA GLU F 20 -22.38 13.99 -21.56
C GLU F 20 -21.39 14.56 -20.60
N GLU F 21 -20.27 13.90 -20.42
CA GLU F 21 -19.32 14.35 -19.46
C GLU F 21 -18.62 15.62 -19.95
N GLN F 22 -18.47 15.73 -21.25
CA GLN F 22 -17.90 16.90 -21.87
C GLN F 22 -18.84 18.07 -21.71
N LEU F 23 -20.11 17.82 -21.92
CA LEU F 23 -21.06 18.87 -21.69
C LEU F 23 -20.91 19.45 -20.29
N ILE F 24 -20.94 18.61 -19.30
CA ILE F 24 -20.78 19.03 -17.96
C ILE F 24 -19.59 19.94 -17.84
N GLU F 25 -18.49 19.52 -18.39
CA GLU F 25 -17.26 20.29 -18.30
C GLU F 25 -17.45 21.67 -18.92
N ILE F 26 -18.04 21.71 -20.10
CA ILE F 26 -18.29 22.97 -20.78
C ILE F 26 -19.31 23.81 -20.01
N GLY F 27 -20.33 23.15 -19.45
CA GLY F 27 -21.34 23.84 -18.69
C GLY F 27 -20.73 24.57 -17.49
N GLU F 28 -19.90 23.87 -16.73
CA GLU F 28 -19.27 24.43 -15.55
C GLU F 28 -18.36 25.61 -15.87
N LEU F 29 -17.59 25.51 -16.95
CA LEU F 29 -16.71 26.60 -17.36
C LEU F 29 -17.54 27.84 -17.61
N ALA F 30 -18.65 27.68 -18.32
CA ALA F 30 -19.54 28.80 -18.60
C ALA F 30 -20.09 29.37 -17.29
N GLN F 31 -20.52 28.52 -16.41
CA GLN F 31 -21.07 28.93 -15.14
C GLN F 31 -20.05 29.74 -14.34
N GLU F 32 -18.89 29.18 -14.18
CA GLU F 32 -17.81 29.84 -13.46
C GLU F 32 -17.45 31.21 -14.04
N THR F 33 -17.40 31.30 -15.36
CA THR F 33 -17.08 32.55 -16.05
C THR F 33 -18.17 33.59 -15.79
N ILE F 34 -19.43 33.17 -15.89
CA ILE F 34 -20.54 34.07 -15.65
C ILE F 34 -20.52 34.56 -14.20
N ILE F 35 -20.35 33.63 -13.26
CA ILE F 35 -20.33 33.99 -11.85
C ILE F 35 -19.13 34.87 -11.49
N ASP F 36 -17.94 34.53 -11.97
CA ASP F 36 -16.77 35.34 -11.66
C ASP F 36 -16.98 36.78 -12.15
N TYR F 37 -17.57 36.92 -13.34
CA TYR F 37 -17.81 38.24 -13.91
C TYR F 37 -18.73 39.08 -13.04
N VAL F 38 -19.88 38.53 -12.68
CA VAL F 38 -20.83 39.24 -11.85
C VAL F 38 -20.17 39.62 -10.52
N PHE F 39 -19.56 38.64 -9.87
CA PHE F 39 -18.90 38.87 -8.58
C PHE F 39 -17.73 39.86 -8.68
N ASP F 40 -17.11 39.93 -9.84
CA ASP F 40 -15.99 40.86 -10.04
C ASP F 40 -16.52 42.29 -10.11
N HIS F 41 -17.74 42.45 -10.63
CA HIS F 41 -18.34 43.76 -10.79
C HIS F 41 -19.38 44.18 -9.77
N LEU F 42 -19.78 43.24 -8.93
CA LEU F 42 -20.78 43.53 -7.90
C LEU F 42 -20.32 42.95 -6.57
N THR F 43 -20.57 43.67 -5.47
CA THR F 43 -20.18 43.18 -4.15
C THR F 43 -21.31 42.27 -3.65
N ARG F 44 -21.03 41.49 -2.60
CA ARG F 44 -22.03 40.58 -2.07
C ARG F 44 -23.34 41.27 -1.72
N SER F 45 -23.27 42.43 -1.08
CA SER F 45 -24.48 43.14 -0.70
C SER F 45 -25.29 43.62 -1.91
N GLU F 46 -24.65 43.74 -3.07
CA GLU F 46 -25.34 44.20 -4.27
C GLU F 46 -26.07 43.10 -5.02
N VAL F 47 -25.84 41.85 -4.62
CA VAL F 47 -26.49 40.72 -5.27
C VAL F 47 -27.58 40.15 -4.36
N LYS F 48 -28.83 40.32 -4.76
CA LYS F 48 -29.95 39.81 -3.99
C LYS F 48 -30.14 38.33 -4.28
N ASP F 49 -29.84 37.93 -5.51
CA ASP F 49 -30.02 36.55 -5.87
C ASP F 49 -29.42 36.21 -7.23
N ILE F 50 -28.50 35.25 -7.25
CA ILE F 50 -27.94 34.81 -8.52
C ILE F 50 -28.14 33.30 -8.64
N GLU F 51 -28.76 32.90 -9.74
CA GLU F 51 -29.04 31.50 -10.00
C GLU F 51 -28.42 31.06 -11.31
N VAL F 52 -27.66 29.98 -11.25
CA VAL F 52 -27.05 29.44 -12.45
C VAL F 52 -27.56 28.01 -12.59
N THR F 53 -28.14 27.73 -13.76
CA THR F 53 -28.69 26.42 -14.05
C THR F 53 -27.91 25.69 -15.12
N MET F 54 -27.55 24.46 -14.87
CA MET F 54 -26.97 23.62 -15.88
C MET F 54 -28.04 22.64 -16.29
N ARG F 55 -28.36 22.66 -17.56
CA ARG F 55 -29.46 21.87 -18.11
C ARG F 55 -29.06 20.99 -19.30
N ILE F 56 -29.58 19.80 -19.35
CA ILE F 56 -29.37 18.92 -20.45
C ILE F 56 -30.68 18.50 -21.00
N ASN F 57 -30.83 18.63 -22.31
CA ASN F 57 -32.05 18.23 -22.99
C ASN F 57 -31.76 17.18 -24.05
N ARG F 58 -32.62 16.16 -24.12
CA ARG F 58 -32.44 15.10 -25.09
C ARG F 58 -33.67 14.93 -25.97
N GLU F 59 -33.63 15.52 -27.16
CA GLU F 59 -34.73 15.39 -28.10
C GLU F 59 -34.27 14.45 -29.21
N GLU F 60 -33.34 14.92 -30.03
CA GLU F 60 -32.76 14.09 -31.09
C GLU F 60 -31.37 13.76 -30.57
N THR F 61 -30.65 14.80 -30.17
CA THR F 61 -29.31 14.65 -29.63
C THR F 61 -29.24 15.41 -28.29
N LEU F 62 -28.19 15.14 -27.53
CA LEU F 62 -28.01 15.77 -26.24
C LEU F 62 -27.59 17.24 -26.35
N ASP F 63 -28.47 18.12 -25.86
CA ASP F 63 -28.24 19.56 -25.88
C ASP F 63 -28.00 20.12 -24.46
N LEU F 64 -26.97 20.95 -24.32
CA LEU F 64 -26.65 21.56 -23.03
C LEU F 64 -27.05 23.03 -22.98
N GLU F 65 -27.54 23.45 -21.82
CA GLU F 65 -27.90 24.84 -21.65
C GLU F 65 -27.41 25.33 -20.29
N ILE F 66 -26.87 26.54 -20.29
CA ILE F 66 -26.44 27.16 -19.06
C ILE F 66 -27.34 28.39 -18.96
N GLU F 67 -28.09 28.49 -17.88
CA GLU F 67 -29.00 29.61 -17.72
C GLU F 67 -28.63 30.38 -16.49
N VAL F 68 -28.61 31.70 -16.60
CA VAL F 68 -28.29 32.52 -15.44
C VAL F 68 -29.40 33.50 -15.16
N TYR F 69 -29.75 33.61 -13.88
CA TYR F 69 -30.77 34.54 -13.45
C TYR F 69 -30.12 35.41 -12.39
N LEU F 70 -30.22 36.71 -12.58
CA LEU F 70 -29.61 37.65 -11.65
C LEU F 70 -30.62 38.68 -11.20
N GLU F 71 -30.65 38.90 -9.90
CA GLU F 71 -31.56 39.85 -9.30
C GLU F 71 -30.76 40.73 -8.34
N VAL F 72 -30.93 42.05 -8.45
CA VAL F 72 -30.23 42.96 -7.57
C VAL F 72 -31.29 43.73 -6.79
N PRO F 73 -30.93 44.21 -5.59
CA PRO F 73 -31.88 44.98 -4.79
C PRO F 73 -32.24 46.26 -5.56
N ILE F 74 -33.38 46.86 -5.28
CA ILE F 74 -33.74 48.07 -6.00
C ILE F 74 -32.81 49.24 -5.70
N PHE F 75 -32.09 49.20 -4.58
CA PHE F 75 -31.17 50.29 -4.27
C PHE F 75 -29.91 50.25 -5.14
N VAL F 76 -29.63 49.10 -5.74
CA VAL F 76 -28.44 48.97 -6.59
C VAL F 76 -28.66 49.57 -7.98
N LYS F 77 -27.85 50.57 -8.32
CA LYS F 77 -27.96 51.25 -9.60
C LYS F 77 -27.32 50.45 -10.74
N VAL F 78 -27.89 49.29 -11.05
CA VAL F 78 -27.36 48.44 -12.11
C VAL F 78 -28.45 47.95 -13.05
N ASP F 79 -28.11 47.82 -14.33
CA ASP F 79 -29.05 47.30 -15.32
C ASP F 79 -28.58 45.86 -15.53
N VAL F 80 -29.22 44.92 -14.84
CA VAL F 80 -28.85 43.51 -14.92
C VAL F 80 -28.73 42.95 -16.35
N ASP F 81 -29.69 43.25 -17.22
CA ASP F 81 -29.63 42.76 -18.58
C ASP F 81 -28.28 43.10 -19.23
N LYS F 82 -27.86 44.36 -19.08
CA LYS F 82 -26.59 44.81 -19.64
C LYS F 82 -25.41 44.14 -18.98
N LEU F 83 -25.47 43.96 -17.66
CA LEU F 83 -24.39 43.29 -16.97
C LEU F 83 -24.31 41.84 -17.47
N ILE F 84 -25.47 41.20 -17.59
CA ILE F 84 -25.55 39.81 -18.08
C ILE F 84 -25.04 39.74 -19.52
N ASP F 85 -25.31 40.77 -20.31
CA ASP F 85 -24.81 40.80 -21.69
C ASP F 85 -23.30 40.55 -21.64
N GLU F 86 -22.60 41.32 -20.82
CA GLU F 86 -21.14 41.19 -20.71
C GLU F 86 -20.69 39.81 -20.20
N ALA F 87 -21.29 39.36 -19.10
CA ALA F 87 -20.94 38.07 -18.51
C ALA F 87 -21.05 36.92 -19.52
N VAL F 88 -22.19 36.87 -20.22
CA VAL F 88 -22.42 35.83 -21.22
C VAL F 88 -21.43 35.89 -22.39
N GLU F 89 -21.14 37.07 -22.92
CA GLU F 89 -20.19 37.16 -24.03
C GLU F 89 -18.85 36.57 -23.58
N ARG F 90 -18.44 36.83 -22.33
CA ARG F 90 -17.18 36.27 -21.85
C ARG F 90 -17.30 34.76 -21.69
N ALA F 91 -18.48 34.30 -21.31
CA ALA F 91 -18.70 32.86 -21.15
C ALA F 91 -18.57 32.16 -22.50
N TYR F 92 -19.05 32.81 -23.56
CA TYR F 92 -18.98 32.26 -24.90
C TYR F 92 -17.54 32.11 -25.36
N GLU F 93 -16.72 33.10 -25.06
CA GLU F 93 -15.31 33.04 -25.44
C GLU F 93 -14.66 31.83 -24.78
N ILE F 94 -14.81 31.73 -23.46
CA ILE F 94 -14.26 30.62 -22.70
C ILE F 94 -14.76 29.29 -23.25
N VAL F 95 -16.06 29.19 -23.48
CA VAL F 95 -16.63 27.96 -24.00
C VAL F 95 -16.03 27.66 -25.38
N GLU F 96 -15.83 28.68 -26.16
CA GLU F 96 -15.30 28.48 -27.48
C GLU F 96 -13.87 28.02 -27.48
N ARG F 97 -13.07 28.62 -26.67
CA ARG F 97 -11.72 28.16 -26.57
C ARG F 97 -11.66 26.70 -26.12
N LYS F 98 -12.65 26.22 -25.38
CA LYS F 98 -12.65 24.86 -24.94
C LYS F 98 -13.02 23.91 -26.01
N LEU F 99 -14.01 24.27 -26.77
CA LEU F 99 -14.50 23.43 -27.77
C LEU F 99 -13.34 23.12 -28.68
N ARG F 100 -12.46 24.09 -28.84
CA ARG F 100 -11.31 23.97 -29.72
C ARG F 100 -10.33 22.99 -29.13
N GLU F 101 -10.16 23.06 -27.83
CA GLU F 101 -9.28 22.15 -27.16
C GLU F 101 -9.75 20.75 -27.35
N ILE F 102 -11.04 20.55 -27.32
CA ILE F 102 -11.57 19.25 -27.54
C ILE F 102 -11.33 18.78 -28.96
N ALA F 103 -11.61 19.63 -29.91
CA ALA F 103 -11.42 19.29 -31.32
C ALA F 103 -10.04 18.72 -31.50
N ASN F 104 -9.11 19.32 -30.81
CA ASN F 104 -7.70 18.96 -30.85
C ASN F 104 -7.46 17.66 -30.08
#